data_6O9S
#
_entry.id   6O9S
#
_cell.length_a   58.672
_cell.length_b   58.672
_cell.length_c   147.602
_cell.angle_alpha   90.000
_cell.angle_beta   90.000
_cell.angle_gamma   90.000
#
_symmetry.space_group_name_H-M   'P 41 21 2'
#
loop_
_entity.id
_entity.type
_entity.pdbx_description
1 polymer 'Methicillin resistance mecR1 protein'
2 non-polymer (2S,5R)-1-formyl-5-[(sulfooxy)amino]piperidine-2-carboxamide
3 non-polymer 'SULFATE ION'
4 water water
#
_entity_poly.entity_id   1
_entity_poly.type   'polypeptide(L)'
_entity_poly.pdbx_seq_one_letter_code
;GHMSAHVQQDKYETNVSYKKLNQLAPYFKGFDGSFVLYNEREQAYSIYNEPESKQRYSPNSTYKIYLALMAFDQNLLSLN
HTEQQWDKHQYPFKEWNQDQNLNSSMKYSVNWYYENLNKHLRQDEVKSYLDLIEYGNEEISGNENYWNESSLKISAIEQV
NLLKNMKQHNMHFDNKAIEKVENSMTLKQKDTYKYVGKTGTGIVNHKEANGWFVGYVETKDNTYYFATHLKGEDNANGEK
AQQISERILKEMELI
;
_entity_poly.pdbx_strand_id   A
#
loop_
_chem_comp.id
_chem_comp.type
_chem_comp.name
_chem_comp.formula
NXL non-polymer (2S,5R)-1-formyl-5-[(sulfooxy)amino]piperidine-2-carboxamide 'C7 H13 N3 O6 S'
SO4 non-polymer 'SULFATE ION' 'O4 S -2'
#
# COMPACT_ATOMS: atom_id res chain seq x y z
N ASP A 10 -0.20 -12.18 14.15
CA ASP A 10 0.80 -12.54 13.16
C ASP A 10 0.13 -12.90 11.83
N LYS A 11 -1.09 -13.43 11.91
CA LYS A 11 -1.73 -14.04 10.75
C LYS A 11 -3.19 -13.60 10.67
N TYR A 12 -3.63 -13.25 9.46
CA TYR A 12 -5.02 -12.90 9.21
C TYR A 12 -5.85 -14.15 8.98
N GLU A 13 -6.98 -14.22 9.68
CA GLU A 13 -7.86 -15.38 9.65
C GLU A 13 -9.02 -15.09 8.72
N THR A 14 -9.11 -15.85 7.64
CA THR A 14 -10.27 -15.81 6.77
C THR A 14 -10.45 -17.18 6.15
N ASN A 15 -11.68 -17.46 5.74
CA ASN A 15 -12.02 -18.73 5.10
C ASN A 15 -12.54 -18.51 3.69
N VAL A 16 -12.19 -17.39 3.06
CA VAL A 16 -12.73 -17.09 1.75
C VAL A 16 -12.16 -18.07 0.73
N SER A 17 -12.99 -18.49 -0.22
CA SER A 17 -12.53 -19.33 -1.31
C SER A 17 -11.65 -18.51 -2.25
N TYR A 18 -10.77 -19.21 -2.95
CA TYR A 18 -9.89 -18.55 -3.90
C TYR A 18 -9.46 -19.51 -4.99
N LYS A 19 -9.13 -18.96 -6.16
CA LYS A 19 -8.49 -19.72 -7.21
C LYS A 19 -6.99 -19.77 -6.95
N LYS A 20 -6.41 -20.97 -6.98
CA LYS A 20 -4.98 -21.13 -6.77
C LYS A 20 -4.20 -20.69 -8.00
N LEU A 21 -3.14 -19.92 -7.77
CA LEU A 21 -2.24 -19.45 -8.82
C LEU A 21 -0.83 -20.00 -8.61
N ASN A 22 -0.71 -21.31 -8.39
CA ASN A 22 0.58 -21.83 -7.95
C ASN A 22 1.65 -21.76 -9.05
N GLN A 23 1.26 -21.66 -10.31
CA GLN A 23 2.26 -21.57 -11.35
C GLN A 23 2.82 -20.17 -11.53
N LEU A 24 2.46 -19.21 -10.65
CA LEU A 24 3.20 -17.97 -10.59
C LEU A 24 4.51 -18.12 -9.83
N ALA A 25 4.77 -19.29 -9.25
CA ALA A 25 5.96 -19.48 -8.43
C ALA A 25 7.24 -19.02 -9.11
N PRO A 26 7.47 -19.24 -10.40
CA PRO A 26 8.78 -18.86 -10.96
C PRO A 26 9.09 -17.37 -10.84
N TYR A 27 8.07 -16.51 -10.83
CA TYR A 27 8.34 -15.07 -10.72
C TYR A 27 8.95 -14.73 -9.38
N PHE A 28 8.80 -15.62 -8.39
CA PHE A 28 9.25 -15.37 -7.03
C PHE A 28 10.56 -16.08 -6.68
N LYS A 29 11.30 -16.51 -7.70
CA LYS A 29 12.65 -16.99 -7.50
C LYS A 29 13.40 -16.13 -6.49
N GLY A 30 13.94 -16.77 -5.46
CA GLY A 30 14.75 -16.08 -4.48
C GLY A 30 14.00 -15.51 -3.31
N PHE A 31 12.67 -15.61 -3.29
CA PHE A 31 11.85 -15.01 -2.25
C PHE A 31 10.79 -15.96 -1.74
N ASP A 32 10.36 -15.74 -0.50
CA ASP A 32 9.09 -16.26 -0.02
C ASP A 32 8.08 -15.17 -0.30
N GLY A 33 7.21 -15.38 -1.29
CA GLY A 33 6.38 -14.30 -1.81
C GLY A 33 4.92 -14.70 -1.89
N SER A 34 4.08 -13.68 -2.09
CA SER A 34 2.67 -13.93 -2.36
C SER A 34 2.16 -12.93 -3.37
N PHE A 35 1.18 -13.36 -4.17
CA PHE A 35 0.42 -12.47 -5.05
C PHE A 35 -1.05 -12.73 -4.79
N VAL A 36 -1.81 -11.67 -4.51
CA VAL A 36 -3.26 -11.73 -4.31
C VAL A 36 -3.91 -10.83 -5.35
N LEU A 37 -4.96 -11.35 -5.99
CA LEU A 37 -5.78 -10.62 -6.94
C LEU A 37 -7.23 -10.73 -6.51
N TYR A 38 -7.97 -9.61 -6.55
CA TYR A 38 -9.41 -9.65 -6.39
C TYR A 38 -10.08 -9.04 -7.61
N ASN A 39 -10.97 -9.82 -8.23
CA ASN A 39 -11.72 -9.44 -9.42
C ASN A 39 -13.07 -8.91 -8.94
N GLU A 40 -13.30 -7.61 -9.11
CA GLU A 40 -14.48 -6.99 -8.50
C GLU A 40 -15.77 -7.51 -9.09
N ARG A 41 -15.87 -7.59 -10.43
CA ARG A 41 -17.12 -8.04 -11.04
C ARG A 41 -17.45 -9.47 -10.63
N GLU A 42 -16.45 -10.35 -10.66
CA GLU A 42 -16.69 -11.75 -10.35
C GLU A 42 -16.69 -12.04 -8.85
N GLN A 43 -16.35 -11.04 -8.03
CA GLN A 43 -16.30 -11.19 -6.57
C GLN A 43 -15.40 -12.36 -6.19
N ALA A 44 -14.21 -12.40 -6.77
CA ALA A 44 -13.39 -13.60 -6.71
C ALA A 44 -11.94 -13.28 -6.42
N TYR A 45 -11.37 -13.99 -5.46
CA TYR A 45 -9.95 -13.93 -5.17
C TYR A 45 -9.19 -14.99 -5.94
N SER A 46 -7.96 -14.65 -6.34
CA SER A 46 -6.96 -15.58 -6.84
C SER A 46 -5.67 -15.34 -6.06
N ILE A 47 -5.00 -16.43 -5.64
CA ILE A 47 -3.84 -16.29 -4.76
C ILE A 47 -2.72 -17.23 -5.19
N TYR A 48 -1.50 -16.69 -5.27
CA TYR A 48 -0.27 -17.48 -5.21
C TYR A 48 0.26 -17.42 -3.77
N ASN A 49 0.50 -18.59 -3.19
CA ASN A 49 1.06 -18.80 -1.85
C ASN A 49 0.07 -18.33 -0.80
N GLU A 50 -0.99 -19.10 -0.59
CA GLU A 50 -2.00 -18.69 0.39
C GLU A 50 -1.42 -18.54 1.78
N PRO A 51 -0.48 -19.38 2.24
CA PRO A 51 0.06 -19.13 3.60
C PRO A 51 0.74 -17.78 3.71
N GLU A 52 1.58 -17.40 2.75
CA GLU A 52 2.18 -16.08 2.84
C GLU A 52 1.16 -14.97 2.63
N SER A 53 0.05 -15.23 1.91
CA SER A 53 -0.94 -14.17 1.68
C SER A 53 -1.63 -13.73 2.97
N LYS A 54 -1.62 -14.59 4.00
CA LYS A 54 -2.23 -14.29 5.30
C LYS A 54 -1.24 -13.83 6.36
N GLN A 55 0.07 -13.93 6.09
CA GLN A 55 1.08 -13.52 7.07
C GLN A 55 1.16 -12.01 7.09
N ARG A 56 1.18 -11.42 8.29
CA ARG A 56 1.21 -9.97 8.39
C ARG A 56 2.64 -9.45 8.45
N TYR A 57 2.89 -8.40 7.70
CA TYR A 57 4.18 -7.75 7.59
C TYR A 57 4.03 -6.25 7.74
N SER A 58 5.11 -5.60 8.18
CA SER A 58 5.10 -4.16 8.26
C SER A 58 4.74 -3.56 6.91
N PRO A 59 3.85 -2.55 6.86
CA PRO A 59 3.46 -1.99 5.56
C PRO A 59 4.47 -1.04 4.97
N ASN A 60 5.36 -0.49 5.80
CA ASN A 60 6.31 0.56 5.41
C ASN A 60 5.58 1.60 4.58
N SER A 61 6.09 1.98 3.41
CA SER A 61 5.54 3.12 2.69
C SER A 61 4.14 2.90 2.17
N THR A 62 3.64 1.67 2.15
CA THR A 62 2.25 1.50 1.68
C THR A 62 1.25 2.05 2.68
N TYR A 63 1.66 2.30 3.93
CA TYR A 63 0.78 2.93 4.90
C TYR A 63 0.48 4.38 4.56
N LYS A 64 1.31 5.03 3.75
CA LYS A 64 1.09 6.42 3.40
C LYS A 64 -0.28 6.65 2.76
N ILE A 65 -0.82 5.65 2.06
CA ILE A 65 -2.16 5.77 1.48
C ILE A 65 -3.18 6.16 2.54
N TYR A 66 -3.15 5.46 3.66
CA TYR A 66 -4.17 5.63 4.69
C TYR A 66 -3.85 6.79 5.62
N LEU A 67 -2.57 7.11 5.85
CA LEU A 67 -2.25 8.36 6.51
C LEU A 67 -2.78 9.54 5.72
N ALA A 68 -2.64 9.51 4.39
CA ALA A 68 -3.19 10.59 3.58
C ALA A 68 -4.70 10.71 3.79
N LEU A 69 -5.40 9.58 3.74
CA LEU A 69 -6.86 9.62 3.90
C LEU A 69 -7.28 10.14 5.28
N MET A 70 -6.62 9.65 6.34
CA MET A 70 -6.91 10.14 7.68
C MET A 70 -6.66 11.65 7.76
N ALA A 71 -5.60 12.14 7.10
CA ALA A 71 -5.29 13.55 7.13
C ALA A 71 -6.36 14.39 6.43
N PHE A 72 -6.84 13.93 5.28
CA PHE A 72 -7.98 14.64 4.67
C PHE A 72 -9.18 14.61 5.60
N ASP A 73 -9.46 13.47 6.20
CA ASP A 73 -10.66 13.32 7.03
C ASP A 73 -10.61 14.21 8.24
N GLN A 74 -9.41 14.48 8.77
CA GLN A 74 -9.21 15.37 9.89
C GLN A 74 -8.89 16.81 9.47
N ASN A 75 -8.93 17.12 8.17
CA ASN A 75 -8.73 18.46 7.65
C ASN A 75 -7.32 18.98 7.92
N LEU A 76 -6.34 18.07 8.05
CA LEU A 76 -4.95 18.48 7.98
C LEU A 76 -4.56 18.81 6.54
N LEU A 77 -5.13 18.07 5.58
CA LEU A 77 -5.02 18.37 4.16
C LEU A 77 -6.41 18.74 3.63
N SER A 78 -6.43 19.56 2.58
CA SER A 78 -7.66 19.97 1.90
C SER A 78 -7.54 19.63 0.42
N LEU A 79 -8.70 19.49 -0.24
CA LEU A 79 -8.70 19.09 -1.64
C LEU A 79 -7.77 19.97 -2.49
N ASN A 80 -7.64 21.24 -2.14
CA ASN A 80 -6.83 22.18 -2.90
C ASN A 80 -5.61 22.66 -2.13
N HIS A 81 -5.31 22.06 -0.97
CA HIS A 81 -4.23 22.54 -0.10
C HIS A 81 -3.54 21.30 0.47
N THR A 82 -2.52 20.80 -0.23
CA THR A 82 -1.74 19.67 0.27
C THR A 82 -0.25 19.99 0.40
N GLU A 83 0.15 21.25 0.26
CA GLU A 83 1.56 21.61 0.30
C GLU A 83 2.10 21.55 1.72
N GLN A 84 3.34 21.03 1.86
CA GLN A 84 4.11 21.15 3.09
C GLN A 84 5.50 21.68 2.78
N GLN A 85 5.99 22.58 3.64
CA GLN A 85 7.30 23.21 3.48
C GLN A 85 8.37 22.32 4.09
N TRP A 86 9.46 22.12 3.34
CA TRP A 86 10.62 21.40 3.83
C TRP A 86 11.33 22.20 4.93
N ASP A 87 11.69 21.52 6.00
CA ASP A 87 12.31 22.19 7.15
C ASP A 87 13.83 22.29 7.07
N LYS A 88 14.41 21.96 5.91
CA LYS A 88 15.84 22.09 5.62
C LYS A 88 16.70 20.95 6.17
N HIS A 89 16.12 19.92 6.79
CA HIS A 89 16.91 18.76 7.15
C HIS A 89 17.43 18.09 5.89
N GLN A 90 18.73 17.83 5.85
CA GLN A 90 19.35 17.23 4.67
C GLN A 90 19.17 15.72 4.76
N TYR A 91 18.25 15.20 3.97
CA TYR A 91 18.05 13.77 3.80
C TYR A 91 18.98 13.23 2.73
N PRO A 92 19.26 11.93 2.76
CA PRO A 92 20.14 11.34 1.73
C PRO A 92 19.50 11.24 0.36
N PHE A 93 18.19 11.48 0.23
CA PHE A 93 17.50 11.48 -1.06
C PHE A 93 17.16 12.92 -1.42
N LYS A 94 17.80 13.46 -2.44
CA LYS A 94 17.57 14.88 -2.74
C LYS A 94 16.13 15.16 -3.14
N GLU A 95 15.38 14.15 -3.61
CA GLU A 95 13.97 14.36 -3.91
C GLU A 95 13.20 14.79 -2.66
N TRP A 96 13.70 14.40 -1.49
CA TRP A 96 13.06 14.76 -0.22
C TRP A 96 13.44 16.15 0.25
N ASN A 97 14.50 16.72 -0.30
CA ASN A 97 15.06 17.98 0.21
C ASN A 97 14.46 19.16 -0.56
N GLN A 98 13.14 19.25 -0.47
CA GLN A 98 12.40 20.28 -1.17
C GLN A 98 10.96 20.24 -0.69
N ASP A 99 10.24 21.32 -0.95
CA ASP A 99 8.83 21.39 -0.62
C ASP A 99 8.06 20.31 -1.37
N GLN A 100 6.91 19.94 -0.82
CA GLN A 100 6.14 18.83 -1.37
C GLN A 100 4.66 19.15 -1.39
N ASN A 101 3.92 18.45 -2.26
CA ASN A 101 2.48 18.35 -2.14
C ASN A 101 2.12 16.86 -2.07
N LEU A 102 0.84 16.55 -2.10
CA LEU A 102 0.46 15.15 -1.98
C LEU A 102 1.05 14.32 -3.12
N ASN A 103 0.94 14.82 -4.36
CA ASN A 103 1.41 14.06 -5.51
C ASN A 103 2.91 13.81 -5.43
N SER A 104 3.72 14.84 -5.12
CA SER A 104 5.16 14.64 -5.08
C SER A 104 5.57 13.78 -3.89
N SER A 105 4.91 13.96 -2.75
CA SER A 105 5.25 13.15 -1.59
C SER A 105 4.95 11.68 -1.80
N MET A 106 3.92 11.35 -2.59
CA MET A 106 3.62 9.95 -2.86
C MET A 106 4.57 9.39 -3.91
N LYS A 107 4.78 10.16 -4.98
CA LYS A 107 5.68 9.76 -6.06
C LYS A 107 7.09 9.46 -5.57
N TYR A 108 7.64 10.36 -4.75
CA TYR A 108 8.98 10.23 -4.21
C TYR A 108 9.00 9.56 -2.84
N SER A 109 7.86 9.11 -2.36
CA SER A 109 7.72 8.39 -1.09
C SER A 109 8.47 9.11 0.04
N VAL A 110 8.06 10.35 0.26
CA VAL A 110 8.75 11.29 1.14
C VAL A 110 8.30 11.06 2.59
N ASN A 111 9.13 10.38 3.35
CA ASN A 111 8.72 9.96 4.69
C ASN A 111 8.32 11.14 5.56
N TRP A 112 9.06 12.25 5.53
CA TRP A 112 8.77 13.32 6.47
C TRP A 112 7.40 13.95 6.25
N TYR A 113 6.90 13.93 5.01
CA TYR A 113 5.57 14.47 4.74
C TYR A 113 4.51 13.70 5.54
N TYR A 114 4.64 12.37 5.58
CA TYR A 114 3.67 11.49 6.23
C TYR A 114 3.94 11.40 7.71
N GLU A 115 5.20 11.50 8.12
CA GLU A 115 5.48 11.63 9.56
C GLU A 115 4.82 12.88 10.13
N ASN A 116 4.89 14.00 9.40
CA ASN A 116 4.21 15.22 9.86
C ASN A 116 2.71 14.98 9.99
N LEU A 117 2.10 14.30 9.02
CA LEU A 117 0.67 14.01 9.14
C LEU A 117 0.40 13.22 10.42
N ASN A 118 1.16 12.14 10.64
CA ASN A 118 0.94 11.31 11.81
C ASN A 118 1.13 12.11 13.10
N LYS A 119 2.10 13.03 13.11
CA LYS A 119 2.37 13.81 14.31
C LYS A 119 1.19 14.67 14.69
N HIS A 120 0.37 15.09 13.73
CA HIS A 120 -0.76 15.96 13.99
C HIS A 120 -2.08 15.21 14.09
N LEU A 121 -2.02 13.88 14.07
CA LEU A 121 -3.16 13.03 14.39
C LEU A 121 -3.01 12.52 15.82
N ARG A 122 -4.05 12.67 16.62
CA ARG A 122 -4.06 12.02 17.93
C ARG A 122 -3.95 10.52 17.75
N GLN A 123 -3.09 9.88 18.54
CA GLN A 123 -2.92 8.45 18.35
C GLN A 123 -4.19 7.69 18.72
N ASP A 124 -5.02 8.24 19.61
CA ASP A 124 -6.33 7.62 19.85
C ASP A 124 -7.22 7.66 18.60
N GLU A 125 -7.11 8.74 17.82
CA GLU A 125 -7.85 8.81 16.57
C GLU A 125 -7.32 7.80 15.56
N VAL A 126 -5.99 7.66 15.49
CA VAL A 126 -5.40 6.65 14.61
C VAL A 126 -5.91 5.27 14.97
N LYS A 127 -5.93 4.93 16.26
CA LYS A 127 -6.42 3.62 16.67
C LYS A 127 -7.85 3.44 16.23
N SER A 128 -8.68 4.48 16.36
CA SER A 128 -10.07 4.39 15.94
C SER A 128 -10.17 4.15 14.44
N TYR A 129 -9.38 4.85 13.63
CA TYR A 129 -9.39 4.63 12.20
C TYR A 129 -8.96 3.20 11.84
N LEU A 130 -7.86 2.71 12.46
CA LEU A 130 -7.36 1.39 12.10
C LEU A 130 -8.36 0.30 12.51
N ASP A 131 -9.12 0.53 13.59
CA ASP A 131 -10.22 -0.35 13.97
C ASP A 131 -11.30 -0.35 12.89
N LEU A 132 -11.69 0.86 12.45
CA LEU A 132 -12.79 0.98 11.49
C LEU A 132 -12.43 0.34 10.15
N ILE A 133 -11.21 0.58 9.65
CA ILE A 133 -10.83 0.01 8.35
C ILE A 133 -10.17 -1.35 8.48
N GLU A 134 -10.01 -1.85 9.70
CA GLU A 134 -9.49 -3.20 9.94
C GLU A 134 -8.10 -3.37 9.36
N TYR A 135 -7.20 -2.48 9.80
CA TYR A 135 -5.84 -2.44 9.29
C TYR A 135 -4.95 -3.46 10.02
N GLY A 136 -5.00 -4.70 9.55
CA GLY A 136 -4.09 -5.72 10.04
C GLY A 136 -4.18 -5.92 11.53
N ASN A 137 -3.04 -5.97 12.22
CA ASN A 137 -3.06 -6.16 13.66
C ASN A 137 -3.38 -4.90 14.45
N GLU A 138 -3.49 -3.75 13.78
CA GLU A 138 -3.85 -2.48 14.40
C GLU A 138 -2.91 -2.07 15.54
N GLU A 139 -1.67 -2.53 15.55
CA GLU A 139 -0.77 -2.32 16.69
C GLU A 139 0.14 -1.13 16.41
N ILE A 140 -0.03 -0.03 17.16
CA ILE A 140 0.71 1.18 16.82
C ILE A 140 1.61 1.65 17.95
N SER A 141 1.90 0.79 18.93
CA SER A 141 2.63 1.18 20.12
C SER A 141 4.12 0.90 20.07
N GLY A 142 4.64 0.34 18.99
CA GLY A 142 6.02 -0.10 19.00
C GLY A 142 7.04 1.02 18.87
N ASN A 143 6.69 2.08 18.17
CA ASN A 143 7.63 3.14 17.83
C ASN A 143 6.81 4.32 17.33
N GLU A 144 7.35 5.53 17.47
CA GLU A 144 6.68 6.69 16.89
C GLU A 144 6.30 6.41 15.44
N ASN A 145 7.25 5.91 14.65
CA ASN A 145 6.97 5.51 13.27
C ASN A 145 6.60 4.02 13.25
N TYR A 146 5.40 3.74 13.77
CA TYR A 146 4.97 2.37 14.03
C TYR A 146 4.74 1.58 12.74
N TRP A 147 4.70 2.24 11.60
CA TRP A 147 4.45 1.59 10.31
C TRP A 147 5.75 1.22 9.59
N ASN A 148 6.91 1.57 10.14
N ASN A 148 6.90 1.60 10.14
CA ASN A 148 8.22 1.35 9.50
CA ASN A 148 8.20 1.35 9.52
C ASN A 148 8.98 0.27 10.27
C ASN A 148 8.91 0.26 10.32
N GLU A 149 8.81 -0.98 9.84
CA GLU A 149 9.48 -2.12 10.46
C GLU A 149 9.34 -2.09 11.97
N SER A 150 8.10 -1.98 12.43
CA SER A 150 7.76 -1.84 13.83
C SER A 150 6.51 -2.67 14.10
N SER A 151 5.63 -2.19 14.97
CA SER A 151 4.57 -3.05 15.49
C SER A 151 3.43 -3.30 14.50
N LEU A 152 3.14 -2.35 13.64
CA LEU A 152 1.96 -2.45 12.78
C LEU A 152 2.26 -3.38 11.62
N LYS A 153 1.37 -4.35 11.39
CA LYS A 153 1.59 -5.35 10.35
C LYS A 153 0.26 -5.69 9.69
N ILE A 154 0.33 -5.98 8.38
CA ILE A 154 -0.84 -6.26 7.57
C ILE A 154 -0.46 -7.31 6.53
N SER A 155 -1.43 -8.12 6.12
CA SER A 155 -1.19 -9.19 5.16
C SER A 155 -1.54 -8.73 3.75
N ALA A 156 -1.08 -9.51 2.77
CA ALA A 156 -1.34 -9.17 1.38
C ALA A 156 -2.83 -9.20 1.06
N ILE A 157 -3.55 -10.21 1.56
CA ILE A 157 -4.99 -10.24 1.28
C ILE A 157 -5.68 -9.05 1.94
N GLU A 158 -5.24 -8.64 3.13
CA GLU A 158 -5.82 -7.46 3.78
C GLU A 158 -5.50 -6.19 3.02
N GLN A 159 -4.30 -6.08 2.44
CA GLN A 159 -4.00 -4.91 1.62
C GLN A 159 -4.99 -4.79 0.48
N VAL A 160 -5.31 -5.92 -0.17
CA VAL A 160 -6.29 -5.93 -1.25
C VAL A 160 -7.65 -5.54 -0.73
N ASN A 161 -8.05 -6.12 0.41
CA ASN A 161 -9.36 -5.84 0.97
C ASN A 161 -9.54 -4.35 1.26
N LEU A 162 -8.51 -3.71 1.81
CA LEU A 162 -8.66 -2.30 2.12
C LEU A 162 -8.72 -1.44 0.87
N LEU A 163 -7.93 -1.77 -0.17
CA LEU A 163 -8.03 -1.01 -1.40
C LEU A 163 -9.42 -1.10 -2.01
N LYS A 164 -9.99 -2.32 -2.03
CA LYS A 164 -11.33 -2.53 -2.55
C LYS A 164 -12.38 -1.79 -1.71
N ASN A 165 -12.24 -1.82 -0.39
CA ASN A 165 -13.21 -1.11 0.46
C ASN A 165 -13.10 0.40 0.24
N MET A 166 -11.88 0.89 0.03
CA MET A 166 -11.68 2.30 -0.26
C MET A 166 -12.37 2.69 -1.56
N LYS A 167 -12.05 1.98 -2.65
CA LYS A 167 -12.54 2.32 -3.98
C LYS A 167 -14.05 2.09 -4.10
N GLN A 168 -14.56 1.08 -3.40
CA GLN A 168 -16.00 0.81 -3.41
C GLN A 168 -16.78 1.73 -2.49
N HIS A 169 -16.10 2.71 -1.88
CA HIS A 169 -16.75 3.72 -1.04
C HIS A 169 -17.37 3.11 0.21
N ASN A 170 -16.75 2.05 0.73
CA ASN A 170 -17.22 1.43 1.96
C ASN A 170 -16.52 1.97 3.21
N MET A 171 -15.47 2.76 3.04
CA MET A 171 -14.87 3.45 4.17
C MET A 171 -15.56 4.79 4.38
N HIS A 172 -15.37 5.35 5.55
CA HIS A 172 -15.99 6.63 5.88
C HIS A 172 -15.06 7.79 5.57
N PHE A 173 -14.51 7.76 4.35
CA PHE A 173 -13.72 8.85 3.82
C PHE A 173 -14.45 9.53 2.67
N ASP A 174 -14.21 10.83 2.53
CA ASP A 174 -14.83 11.62 1.47
C ASP A 174 -14.40 11.11 0.09
N ASN A 175 -15.36 11.01 -0.82
CA ASN A 175 -15.06 10.47 -2.14
C ASN A 175 -14.05 11.34 -2.87
N LYS A 176 -14.11 12.66 -2.69
CA LYS A 176 -13.16 13.53 -3.37
C LYS A 176 -11.75 13.38 -2.81
N ALA A 177 -11.63 13.09 -1.50
CA ALA A 177 -10.32 12.81 -0.91
C ALA A 177 -9.74 11.52 -1.44
N ILE A 178 -10.58 10.48 -1.61
CA ILE A 178 -10.14 9.24 -2.22
C ILE A 178 -9.63 9.49 -3.64
N GLU A 179 -10.35 10.32 -4.41
CA GLU A 179 -9.87 10.63 -5.76
C GLU A 179 -8.50 11.27 -5.72
N LYS A 180 -8.27 12.19 -4.78
CA LYS A 180 -6.96 12.84 -4.69
C LYS A 180 -5.88 11.82 -4.37
N VAL A 181 -6.14 10.90 -3.44
CA VAL A 181 -5.13 9.91 -3.09
C VAL A 181 -4.92 8.94 -4.26
N GLU A 182 -5.99 8.52 -4.91
CA GLU A 182 -5.86 7.71 -6.12
C GLU A 182 -4.99 8.41 -7.16
N ASN A 183 -5.24 9.70 -7.41
CA ASN A 183 -4.46 10.43 -8.40
C ASN A 183 -2.98 10.43 -8.03
N SER A 184 -2.68 10.57 -6.74
CA SER A 184 -1.29 10.65 -6.30
C SER A 184 -0.54 9.34 -6.51
N MET A 185 -1.26 8.22 -6.62
CA MET A 185 -0.64 6.91 -6.86
C MET A 185 -0.89 6.39 -8.28
N THR A 186 -1.34 7.23 -9.22
CA THR A 186 -1.67 6.77 -10.56
C THR A 186 -0.38 6.69 -11.35
N LEU A 187 -0.10 5.49 -11.88
CA LEU A 187 1.14 5.22 -12.61
C LEU A 187 0.96 5.29 -14.12
N LYS A 188 -0.21 4.94 -14.63
CA LYS A 188 -0.49 5.02 -16.05
C LYS A 188 -1.99 5.14 -16.24
N GLN A 189 -2.38 6.01 -17.16
CA GLN A 189 -3.79 6.18 -17.50
C GLN A 189 -3.90 6.19 -19.02
N LYS A 190 -4.63 5.22 -19.55
CA LYS A 190 -4.94 5.09 -20.96
C LYS A 190 -6.45 5.11 -21.11
N ASP A 191 -6.91 5.14 -22.36
CA ASP A 191 -8.35 5.05 -22.56
C ASP A 191 -8.91 3.76 -22.01
N THR A 192 -8.14 2.66 -22.09
CA THR A 192 -8.63 1.35 -21.69
C THR A 192 -8.40 1.03 -20.22
N TYR A 193 -7.53 1.74 -19.51
CA TYR A 193 -7.35 1.36 -18.11
C TYR A 193 -6.60 2.46 -17.35
N LYS A 194 -6.87 2.50 -16.04
CA LYS A 194 -6.08 3.28 -15.10
C LYS A 194 -5.35 2.31 -14.17
N TYR A 195 -4.06 2.52 -14.00
CA TYR A 195 -3.16 1.64 -13.25
C TYR A 195 -2.64 2.44 -12.08
N VAL A 196 -2.92 1.96 -10.88
CA VAL A 196 -2.68 2.66 -9.62
C VAL A 196 -1.85 1.75 -8.73
N GLY A 197 -0.85 2.29 -8.04
CA GLY A 197 -0.13 1.42 -7.11
C GLY A 197 0.88 2.16 -6.27
N LYS A 198 1.35 1.47 -5.24
CA LYS A 198 2.30 2.03 -4.28
C LYS A 198 3.27 0.98 -3.82
N THR A 199 4.55 1.35 -3.79
CA THR A 199 5.60 0.48 -3.31
C THR A 199 5.84 0.65 -1.82
N GLY A 200 6.48 -0.35 -1.23
CA GLY A 200 7.08 -0.20 0.09
C GLY A 200 8.28 -1.12 0.23
N THR A 201 9.22 -0.69 1.09
CA THR A 201 10.43 -1.45 1.39
C THR A 201 10.74 -1.33 2.89
N GLY A 202 11.08 -2.46 3.50
CA GLY A 202 11.50 -2.49 4.88
C GLY A 202 12.93 -3.01 4.98
N ILE A 203 13.72 -2.34 5.80
CA ILE A 203 15.12 -2.66 6.03
C ILE A 203 15.25 -3.38 7.36
N VAL A 204 15.93 -4.53 7.34
CA VAL A 204 16.24 -5.31 8.53
C VAL A 204 17.71 -5.68 8.44
N ASN A 205 18.47 -5.37 9.48
CA ASN A 205 19.90 -5.70 9.49
C ASN A 205 20.61 -5.13 8.26
N HIS A 206 20.22 -3.92 7.88
CA HIS A 206 20.81 -3.16 6.78
C HIS A 206 20.57 -3.80 5.42
N LYS A 207 19.58 -4.69 5.31
CA LYS A 207 19.25 -5.34 4.05
C LYS A 207 17.77 -5.16 3.77
N GLU A 208 17.40 -5.21 2.48
CA GLU A 208 16.01 -5.10 2.07
C GLU A 208 15.33 -6.47 2.27
N ALA A 209 14.45 -6.55 3.25
CA ALA A 209 13.94 -7.81 3.75
C ALA A 209 12.42 -7.93 3.64
N ASN A 210 11.75 -6.92 3.08
CA ASN A 210 10.29 -6.80 3.10
C ASN A 210 9.94 -5.86 1.95
N GLY A 211 9.39 -6.41 0.88
CA GLY A 211 8.97 -5.60 -0.26
C GLY A 211 7.49 -5.71 -0.54
N TRP A 212 6.87 -4.57 -0.82
CA TRP A 212 5.46 -4.50 -1.16
C TRP A 212 5.26 -3.79 -2.49
N PHE A 213 4.23 -4.22 -3.22
CA PHE A 213 3.59 -3.39 -4.25
C PHE A 213 2.12 -3.73 -4.24
N VAL A 214 1.28 -2.72 -4.01
CA VAL A 214 -0.17 -2.91 -3.88
C VAL A 214 -0.85 -1.89 -4.79
N GLY A 215 -2.01 -2.26 -5.32
CA GLY A 215 -2.75 -1.29 -6.11
C GLY A 215 -3.92 -1.93 -6.83
N TYR A 216 -4.30 -1.31 -7.96
CA TYR A 216 -5.38 -1.86 -8.74
C TYR A 216 -5.27 -1.38 -10.18
N VAL A 217 -5.88 -2.15 -11.07
CA VAL A 217 -6.09 -1.78 -12.47
C VAL A 217 -7.59 -1.62 -12.65
N GLU A 218 -8.01 -0.43 -13.07
CA GLU A 218 -9.40 -0.16 -13.36
C GLU A 218 -9.58 -0.16 -14.88
N THR A 219 -10.49 -0.98 -15.36
CA THR A 219 -10.77 -1.04 -16.80
C THR A 219 -12.14 -0.41 -17.05
N LYS A 220 -12.65 -0.52 -18.28
CA LYS A 220 -13.95 0.07 -18.57
C LYS A 220 -15.10 -0.77 -18.04
N ASP A 221 -14.84 -1.97 -17.52
CA ASP A 221 -15.94 -2.79 -16.98
C ASP A 221 -15.60 -3.52 -15.69
N ASN A 222 -14.42 -3.33 -15.12
CA ASN A 222 -14.02 -4.09 -13.95
C ASN A 222 -12.91 -3.35 -13.22
N THR A 223 -12.57 -3.86 -12.04
CA THR A 223 -11.45 -3.38 -11.26
C THR A 223 -10.75 -4.62 -10.73
N TYR A 224 -9.42 -4.65 -10.85
CA TYR A 224 -8.61 -5.79 -10.43
C TYR A 224 -7.64 -5.28 -9.38
N TYR A 225 -7.90 -5.64 -8.11
CA TYR A 225 -7.08 -5.21 -6.99
C TYR A 225 -5.98 -6.24 -6.76
N PHE A 226 -4.79 -5.78 -6.41
CA PHE A 226 -3.69 -6.74 -6.26
C PHE A 226 -2.76 -6.30 -5.15
N ALA A 227 -2.01 -7.28 -4.64
CA ALA A 227 -0.92 -7.03 -3.70
C ALA A 227 0.14 -8.09 -3.88
N THR A 228 1.39 -7.65 -3.93
CA THR A 228 2.54 -8.53 -3.98
C THR A 228 3.38 -8.27 -2.75
N HIS A 229 3.75 -9.34 -2.07
CA HIS A 229 4.70 -9.26 -0.97
C HIS A 229 5.91 -10.13 -1.25
N LEU A 230 7.10 -9.61 -0.88
CA LEU A 230 8.35 -10.33 -0.91
C LEU A 230 9.01 -10.37 0.47
N LYS A 231 9.34 -11.57 0.91
CA LYS A 231 10.19 -11.77 2.08
C LYS A 231 11.51 -12.39 1.61
N GLY A 232 12.63 -11.85 2.09
CA GLY A 232 13.91 -12.43 1.77
C GLY A 232 14.95 -11.87 2.71
N GLU A 233 16.14 -12.49 2.68
CA GLU A 233 17.24 -11.94 3.47
C GLU A 233 17.71 -10.60 2.89
N ASP A 234 17.68 -10.46 1.57
CA ASP A 234 18.03 -9.22 0.92
C ASP A 234 17.29 -9.14 -0.41
N ASN A 235 17.38 -7.95 -1.02
CA ASN A 235 16.81 -7.66 -2.33
C ASN A 235 15.29 -7.71 -2.36
N ALA A 236 14.64 -7.83 -1.20
CA ALA A 236 13.19 -7.84 -1.11
C ALA A 236 12.72 -6.41 -0.91
N ASN A 237 12.42 -5.74 -2.03
CA ASN A 237 12.11 -4.32 -1.98
C ASN A 237 10.92 -4.02 -2.87
N GLY A 238 10.44 -2.78 -2.76
CA GLY A 238 9.26 -2.38 -3.50
C GLY A 238 9.46 -2.42 -5.00
N GLU A 239 10.65 -2.04 -5.46
CA GLU A 239 10.92 -2.04 -6.90
C GLU A 239 10.79 -3.44 -7.48
N LYS A 240 11.35 -4.44 -6.78
CA LYS A 240 11.26 -5.81 -7.24
C LYS A 240 9.81 -6.31 -7.15
N ALA A 241 9.11 -5.96 -6.08
CA ALA A 241 7.71 -6.34 -5.95
C ALA A 241 6.89 -5.74 -7.08
N GLN A 242 7.20 -4.52 -7.48
CA GLN A 242 6.48 -3.90 -8.61
C GLN A 242 6.84 -4.59 -9.93
N GLN A 243 8.12 -4.92 -10.14
CA GLN A 243 8.53 -5.60 -11.36
C GLN A 243 7.81 -6.93 -11.50
N ILE A 244 7.79 -7.72 -10.43
CA ILE A 244 7.08 -8.99 -10.46
C ILE A 244 5.60 -8.77 -10.73
N SER A 245 5.01 -7.79 -10.04
CA SER A 245 3.59 -7.52 -10.24
C SER A 245 3.29 -7.21 -11.68
N GLU A 246 4.13 -6.38 -12.33
CA GLU A 246 3.87 -5.96 -13.70
C GLU A 246 4.03 -7.14 -14.66
N ARG A 247 4.96 -8.05 -14.39
CA ARG A 247 5.05 -9.27 -15.19
C ARG A 247 3.77 -10.08 -15.08
N ILE A 248 3.24 -10.25 -13.86
CA ILE A 248 2.02 -11.03 -13.67
C ILE A 248 0.83 -10.33 -14.32
N LEU A 249 0.68 -9.03 -14.07
CA LEU A 249 -0.46 -8.31 -14.61
C LEU A 249 -0.44 -8.30 -16.13
N LYS A 250 0.76 -8.21 -16.74
CA LYS A 250 0.81 -8.24 -18.20
C LYS A 250 0.45 -9.62 -18.73
N GLU A 251 0.86 -10.69 -18.04
CA GLU A 251 0.48 -12.00 -18.50
C GLU A 251 -1.02 -12.20 -18.39
N MET A 252 -1.66 -11.56 -17.42
CA MET A 252 -3.12 -11.53 -17.31
C MET A 252 -3.76 -10.57 -18.31
N GLU A 253 -2.97 -9.86 -19.11
CA GLU A 253 -3.48 -8.93 -20.10
C GLU A 253 -4.24 -7.78 -19.46
N LEU A 254 -3.82 -7.39 -18.27
CA LEU A 254 -4.44 -6.27 -17.56
C LEU A 254 -3.73 -4.95 -17.80
N ILE A 255 -2.43 -4.98 -18.09
CA ILE A 255 -1.69 -3.76 -18.42
C ILE A 255 -0.82 -4.06 -19.63
OAC NXL B . 8.54 1.93 2.20
CAN NXL B . 8.67 3.12 2.03
N NXL B . 9.98 3.75 2.21
CAJ NXL B . 10.28 5.16 1.98
CA NXL B . 11.05 2.88 2.61
C NXL B . 11.32 3.16 4.10
O NXL B . 11.13 4.25 4.59
NAA NXL B . 11.70 2.07 4.96
CB NXL B . 12.19 3.09 1.62
CAH NXL B . 12.47 4.51 1.15
CAO NXL B . 11.20 5.20 0.71
NAK NXL B . 10.75 4.63 -0.55
OAL NXL B . 10.45 3.31 -0.45
SAR NXL B . 9.58 2.82 -1.59
OAD NXL B . 9.62 1.29 -1.54
OAE NXL B . 10.01 3.35 -2.93
OAG NXL B . 8.14 3.16 -1.28
H2 NXL B . 9.43 5.68 1.83
H3 NXL B . 10.75 5.55 2.79
H4 NXL B . 10.89 1.95 2.70
H5 NXL B . 11.83 2.23 5.88
H6 NXL B . 11.82 1.22 4.61
H7 NXL B . 12.00 2.54 0.82
H8 NXL B . 13.03 2.74 2.05
H9 NXL B . 12.88 5.02 1.88
H10 NXL B . 13.10 4.48 0.40
H11 NXL B . 11.24 6.12 0.42
H12 NXL B . 11.47 4.72 -1.19
S SO4 C . -12.72 -10.78 -16.48
O1 SO4 C . -11.36 -10.31 -16.26
O2 SO4 C . -13.35 -9.96 -17.51
O3 SO4 C . -12.68 -12.18 -16.92
O4 SO4 C . -13.48 -10.69 -15.24
#